data_1VZQ
#
_entry.id   1VZQ
#
_cell.length_a   70.900
_cell.length_b   71.400
_cell.length_c   72.400
_cell.angle_alpha   90.00
_cell.angle_beta   100.40
_cell.angle_gamma   90.00
#
_symmetry.space_group_name_H-M   'C 1 2 1'
#
loop_
_entity.id
_entity.type
_entity.pdbx_description
1 polymer 'THROMBIN HEAVY'
2 polymer 'HIRUDIN VARIANT-2'
3 polymer 'THROMBIN LIGHT'
4 non-polymer 4-[(3AS,4R,7R,8AS,8BR)-2-(1,3-BENZODIOXOL-5-YLMETHYL)-7-HYDROXY-1,3-DIOXODECAHYDROPYRROLO[3,4-A]PYRROLIZIN-4-YL]BENZENECARBOXIMIDAMIDE
5 non-polymer 'SODIUM ION'
6 non-polymer 'CALCIUM ION'
7 water water
#
loop_
_entity_poly.entity_id
_entity_poly.type
_entity_poly.pdbx_seq_one_letter_code
_entity_poly.pdbx_strand_id
1 'polypeptide(L)'
;IVEGSDAEIGMSPWQVMLFRKSPQELLCGASLISDRWVLTAAHCLLYPPWDKNFTENDLLVRIGKHSRTAYERNIEKISM
LEKIYIHPRYNWRENLDRDIALMKLKKPVAFSDYIHPVCLPDRETAASLLQAGYKGRVTGWGNLKETGQPSVLQVVNLPI
VERPVCKDSTRIRITDNMFCAGYKPDEGKRGDACEGDSGGPFVMKSPFNNRWYQMGIVSWGEGCDRDGKYGFYTHVFRLK
KWIQKVIDQF
;
H
2 'polypeptide(L)' DFEEIPEEYLQ I
3 'polypeptide(L)' ADCGLRPLFEKKSLEDKTERELLESYI L
#
loop_
_chem_comp.id
_chem_comp.type
_chem_comp.name
_chem_comp.formula
CA non-polymer 'CALCIUM ION' 'Ca 2'
NA non-polymer 'SODIUM ION' 'Na 1'
SHY non-polymer 4-[(3AS,4R,7R,8AS,8BR)-2-(1,3-BENZODIOXOL-5-YLMETHYL)-7-HYDROXY-1,3-DIOXODECAHYDROPYRROLO[3,4-A]PYRROLIZIN-4-YL]BENZENECARBOXIMIDAMIDE 'C24 H24 N4 O5'
#
# COMPACT_ATOMS: atom_id res chain seq x y z
N ILE A 1 2.76 -11.03 -0.32
CA ILE A 1 1.37 -11.30 0.11
C ILE A 1 1.20 -12.80 0.32
N VAL A 2 0.76 -13.17 1.51
CA VAL A 2 0.53 -14.58 1.84
C VAL A 2 -0.93 -14.92 1.67
N GLU A 3 -1.18 -16.05 1.01
CA GLU A 3 -2.52 -16.53 0.80
C GLU A 3 -3.43 -15.60 0.00
N GLY A 4 -2.82 -14.94 -0.98
CA GLY A 4 -3.54 -14.05 -1.87
C GLY A 4 -3.63 -14.72 -3.23
N SER A 5 -3.87 -13.91 -4.26
CA SER A 5 -3.99 -14.41 -5.61
C SER A 5 -3.36 -13.46 -6.60
N ASP A 6 -3.18 -13.93 -7.81
CA ASP A 6 -2.60 -13.08 -8.84
C ASP A 6 -3.56 -11.92 -9.13
N ALA A 7 -3.02 -10.71 -9.22
CA ALA A 7 -3.84 -9.57 -9.57
C ALA A 7 -4.18 -9.62 -11.06
N GLU A 8 -5.27 -8.98 -11.45
CA GLU A 8 -5.63 -8.88 -12.88
C GLU A 8 -4.87 -7.69 -13.46
N ILE A 9 -4.69 -7.68 -14.78
CA ILE A 9 -4.00 -6.57 -15.42
C ILE A 9 -4.78 -5.27 -15.17
N GLY A 10 -4.05 -4.22 -14.76
CA GLY A 10 -4.66 -2.92 -14.49
C GLY A 10 -5.56 -2.84 -13.26
N MET A 11 -5.52 -3.88 -12.43
CA MET A 11 -6.34 -3.94 -11.21
C MET A 11 -5.97 -2.91 -10.14
N SER A 12 -4.69 -2.56 -10.07
CA SER A 12 -4.19 -1.65 -9.06
C SER A 12 -3.19 -0.73 -9.76
N PRO A 13 -3.71 0.16 -10.62
CA PRO A 13 -2.86 1.08 -11.38
C PRO A 13 -2.10 2.14 -10.64
N TRP A 14 -2.38 2.23 -9.36
CA TRP A 14 -1.67 3.16 -8.48
C TRP A 14 -0.53 2.42 -7.79
N GLN A 15 -0.43 1.12 -8.00
CA GLN A 15 0.66 0.37 -7.35
C GLN A 15 2.03 0.81 -7.78
N VAL A 16 2.92 1.04 -6.81
CA VAL A 16 4.29 1.45 -7.13
C VAL A 16 5.26 0.48 -6.47
N MET A 17 6.32 0.16 -7.20
CA MET A 17 7.37 -0.68 -6.66
C MET A 17 8.53 0.24 -6.31
N LEU A 18 8.98 0.21 -5.05
CA LEU A 18 10.20 0.99 -4.69
C LEU A 18 11.34 0.00 -4.94
N PHE A 19 12.24 0.38 -5.85
CA PHE A 19 13.32 -0.51 -6.30
C PHE A 19 14.68 0.04 -5.92
N ARG A 20 15.49 -0.77 -5.23
CA ARG A 20 16.84 -0.36 -4.84
C ARG A 20 17.73 -0.50 -6.08
N LYS A 21 18.54 0.52 -6.33
CA LYS A 21 19.46 0.53 -7.48
C LYS A 21 20.61 -0.47 -7.34
N SER A 22 21.25 -0.48 -6.18
CA SER A 22 22.36 -1.41 -5.96
C SER A 22 22.47 -1.83 -4.52
N PRO A 23 22.30 -3.12 -4.24
CA PRO A 23 22.01 -4.14 -5.27
C PRO A 23 20.59 -3.98 -5.78
N GLN A 24 20.28 -4.53 -6.95
CA GLN A 24 18.93 -4.41 -7.48
C GLN A 24 18.00 -5.33 -6.70
N GLU A 25 17.01 -4.75 -6.04
CA GLU A 25 16.08 -5.57 -5.28
C GLU A 25 14.81 -4.81 -4.95
N LEU A 26 13.77 -5.57 -4.59
CA LEU A 26 12.50 -4.98 -4.19
C LEU A 26 12.71 -4.42 -2.80
N LEU A 27 12.49 -3.12 -2.65
CA LEU A 27 12.67 -2.47 -1.37
C LEU A 27 11.37 -2.40 -0.59
N CYS A 28 10.25 -2.12 -1.28
CA CYS A 28 8.96 -1.93 -0.62
C CYS A 28 7.92 -1.60 -1.67
N GLY A 29 6.69 -1.51 -1.18
CA GLY A 29 5.55 -1.07 -1.99
C GLY A 29 5.37 0.42 -1.74
N ALA A 30 4.47 1.00 -2.53
CA ALA A 30 4.14 2.42 -2.47
C ALA A 30 2.92 2.65 -3.35
N SER A 31 2.46 3.90 -3.40
CA SER A 31 1.28 4.19 -4.22
C SER A 31 1.37 5.55 -4.89
N LEU A 32 0.74 5.64 -6.06
CA LEU A 32 0.72 6.89 -6.82
C LEU A 32 -0.48 7.72 -6.43
N ILE A 33 -0.25 8.94 -5.94
CA ILE A 33 -1.40 9.78 -5.53
C ILE A 33 -1.64 11.00 -6.42
N SER A 34 -0.70 11.24 -7.34
CA SER A 34 -0.80 12.34 -8.34
C SER A 34 0.30 12.07 -9.34
N ASP A 35 0.42 12.93 -10.37
CA ASP A 35 1.47 12.65 -11.33
C ASP A 35 2.89 12.82 -10.85
N ARG A 36 3.07 13.39 -9.66
CA ARG A 36 4.42 13.56 -9.16
C ARG A 36 4.62 13.21 -7.71
N TRP A 37 3.59 12.69 -7.05
CA TRP A 37 3.76 12.29 -5.66
C TRP A 37 3.43 10.81 -5.41
N VAL A 38 4.32 10.15 -4.65
CA VAL A 38 4.18 8.76 -4.27
C VAL A 38 4.17 8.66 -2.75
N LEU A 39 3.24 7.85 -2.23
CA LEU A 39 3.08 7.64 -0.80
C LEU A 39 3.61 6.27 -0.39
N THR A 40 4.31 6.22 0.75
CA THR A 40 4.82 4.94 1.25
C THR A 40 4.94 5.00 2.78
N ALA A 41 5.51 3.95 3.37
CA ALA A 41 5.72 3.92 4.82
C ALA A 41 7.10 4.53 5.13
N ALA A 42 7.18 5.27 6.24
CA ALA A 42 8.47 5.84 6.67
C ALA A 42 9.51 4.75 6.88
N HIS A 43 9.08 3.58 7.41
CA HIS A 43 10.05 2.51 7.68
C HIS A 43 10.73 1.94 6.44
N CYS A 44 10.15 2.18 5.28
CA CYS A 44 10.75 1.74 4.04
C CYS A 44 11.99 2.56 3.74
N LEU A 45 12.06 3.78 4.27
CA LEU A 45 13.16 4.68 3.97
C LEU A 45 14.05 4.93 5.16
N LEU A 46 13.48 4.88 6.37
CA LEU A 46 14.26 5.17 7.56
C LEU A 46 13.97 4.22 8.70
N TYR A 47 14.94 3.41 9.11
CA TYR A 47 14.73 2.53 10.25
C TYR A 47 16.12 2.30 10.86
N PRO A 48 16.53 3.20 11.76
CA PRO A 48 17.85 3.08 12.39
C PRO A 48 18.29 1.76 13.03
N PRO A 49 17.37 1.02 13.64
CA PRO A 49 17.75 -0.25 14.27
C PRO A 49 18.40 -1.23 13.29
N TRP A 50 18.05 -1.09 12.00
CA TRP A 50 18.60 -1.96 10.95
C TRP A 50 19.54 -1.22 10.02
N ASP A 51 20.00 -0.04 10.45
CA ASP A 51 20.87 0.81 9.64
C ASP A 51 20.29 1.07 8.25
N LYS A 52 19.00 1.38 8.23
CA LYS A 52 18.34 1.70 6.98
C LYS A 52 18.15 3.20 6.95
N ASN A 53 18.69 3.84 5.93
CA ASN A 53 18.58 5.28 5.80
C ASN A 53 18.82 5.62 4.35
N PHE A 54 17.80 5.39 3.53
CA PHE A 54 17.96 5.68 2.12
C PHE A 54 17.90 7.17 1.79
N THR A 55 18.58 7.55 0.72
CA THR A 55 18.56 8.92 0.27
C THR A 55 17.90 8.87 -1.12
N GLU A 56 17.55 10.01 -1.67
CA GLU A 56 16.90 10.04 -2.98
C GLU A 56 17.57 9.24 -4.09
N ASN A 57 18.90 9.29 -4.16
CA ASN A 57 19.58 8.55 -5.20
C ASN A 57 19.82 7.08 -5.03
N ASP A 58 19.37 6.50 -3.92
CA ASP A 58 19.56 5.07 -3.71
C ASP A 58 18.49 4.25 -4.38
N LEU A 59 17.39 4.89 -4.77
CA LEU A 59 16.30 4.11 -5.34
C LEU A 59 15.59 4.71 -6.53
N LEU A 60 14.70 3.90 -7.10
CA LEU A 60 13.88 4.29 -8.24
C LEU A 60 12.45 3.87 -7.92
N VAL A 61 11.48 4.51 -8.57
CA VAL A 61 10.09 4.07 -8.40
C VAL A 61 9.70 3.49 -9.77
N ARG A 62 9.06 2.33 -9.77
CA ARG A 62 8.64 1.67 -11.00
C ARG A 62 7.10 1.62 -10.91
N ILE A 63 6.45 2.24 -11.88
CA ILE A 63 4.99 2.39 -11.89
C ILE A 63 4.41 1.67 -13.09
N GLY A 64 3.21 1.12 -12.93
CA GLY A 64 2.55 0.40 -14.01
C GLY A 64 2.95 -1.05 -14.15
N LYS A 65 3.61 -1.60 -13.13
CA LYS A 65 4.06 -2.96 -13.24
C LYS A 65 3.05 -4.02 -12.91
N HIS A 66 3.36 -5.22 -13.40
CA HIS A 66 2.57 -6.39 -13.14
C HIS A 66 3.55 -7.52 -12.77
N SER A 67 4.47 -7.82 -13.66
CA SER A 67 5.48 -8.83 -13.38
C SER A 67 6.43 -8.26 -12.32
N ARG A 68 6.86 -9.08 -11.38
CA ARG A 68 7.77 -8.60 -10.34
C ARG A 68 9.17 -8.32 -10.89
N THR A 69 9.74 -9.30 -11.59
CA THR A 69 11.14 -9.17 -12.06
C THR A 69 11.39 -8.65 -13.46
N ALA A 70 10.43 -8.83 -14.35
CA ALA A 70 10.65 -8.41 -15.71
C ALA A 70 10.64 -6.91 -15.95
N TYR A 71 11.41 -6.45 -16.94
CA TYR A 71 11.37 -5.03 -17.28
C TYR A 71 10.21 -5.00 -18.30
N GLU A 72 9.10 -4.38 -17.90
CA GLU A 72 7.91 -4.36 -18.74
C GLU A 72 7.88 -3.25 -19.76
N ARG A 73 8.66 -3.53 -20.81
CA ARG A 73 8.84 -2.67 -21.94
C ARG A 73 7.51 -2.15 -22.50
N ASN A 74 7.44 -0.85 -22.72
CA ASN A 74 6.28 -0.16 -23.26
C ASN A 74 5.10 -0.09 -22.28
N ILE A 75 5.31 -0.53 -21.05
CA ILE A 75 4.21 -0.52 -20.07
C ILE A 75 4.63 0.20 -18.81
N GLU A 76 5.66 -0.29 -18.16
CA GLU A 76 6.05 0.39 -16.93
C GLU A 76 6.82 1.67 -17.16
N LYS A 77 6.80 2.53 -16.17
CA LYS A 77 7.52 3.78 -16.22
C LYS A 77 8.44 3.81 -15.03
N ILE A 78 9.69 4.24 -15.25
CA ILE A 78 10.64 4.32 -14.16
C ILE A 78 10.85 5.78 -13.85
N SER A 79 10.80 6.14 -12.57
CA SER A 79 10.94 7.52 -12.17
C SER A 79 12.00 7.71 -11.09
N MET A 80 12.66 8.86 -11.13
CA MET A 80 13.67 9.16 -10.14
C MET A 80 13.07 10.06 -9.10
N LEU A 81 13.67 10.05 -7.91
CA LEU A 81 13.18 10.86 -6.82
C LEU A 81 13.86 12.20 -6.69
N GLU A 82 13.05 13.23 -6.54
CA GLU A 82 13.54 14.58 -6.35
C GLU A 82 13.79 14.77 -4.87
N LYS A 83 12.83 14.36 -4.04
CA LYS A 83 12.98 14.58 -2.61
C LYS A 83 12.06 13.67 -1.79
N ILE A 84 12.57 13.23 -0.66
CA ILE A 84 11.86 12.37 0.30
C ILE A 84 11.44 13.23 1.49
N TYR A 85 10.20 13.04 1.95
CA TYR A 85 9.67 13.74 3.12
C TYR A 85 9.11 12.71 4.07
N ILE A 86 9.74 12.58 5.22
CA ILE A 86 9.31 11.63 6.23
C ILE A 86 8.56 12.38 7.32
N HIS A 87 7.46 11.82 7.83
CA HIS A 87 6.75 12.51 8.89
C HIS A 87 7.74 12.85 10.03
N PRO A 88 7.73 14.11 10.50
CA PRO A 88 8.66 14.49 11.55
C PRO A 88 8.43 13.82 12.90
N ARG A 89 7.24 13.25 13.12
CA ARG A 89 7.00 12.61 14.39
C ARG A 89 6.86 11.09 14.24
N TYR A 90 7.42 10.56 13.15
CA TYR A 90 7.46 9.11 12.93
C TYR A 90 8.21 8.51 14.13
N ASN A 91 7.59 7.57 14.80
CA ASN A 91 8.15 6.98 16.02
C ASN A 91 8.71 5.60 15.75
N TRP A 92 9.93 5.54 15.21
CA TRP A 92 10.57 4.24 14.93
C TRP A 92 11.10 3.55 16.19
N ARG A 93 11.24 4.28 17.28
CA ARG A 93 11.77 3.66 18.51
C ARG A 93 10.79 2.75 19.21
N GLU A 94 9.55 3.20 19.26
CA GLU A 94 8.54 2.49 20.02
C GLU A 94 7.53 1.62 19.27
N ASN A 95 6.92 2.16 18.22
CA ASN A 95 5.84 1.37 17.64
C ASN A 95 5.51 1.70 16.21
N LEU A 96 6.38 2.43 15.56
CA LEU A 96 6.16 2.88 14.18
C LEU A 96 4.95 3.80 14.07
N ASP A 97 4.63 4.54 15.14
CA ASP A 97 3.52 5.51 15.05
C ASP A 97 3.84 6.54 13.94
N ARG A 98 2.82 6.94 13.18
CA ARG A 98 2.96 7.90 12.06
C ARG A 98 3.92 7.36 11.00
N ASP A 99 3.73 6.09 10.62
CA ASP A 99 4.62 5.45 9.62
C ASP A 99 4.22 5.88 8.23
N ILE A 100 4.70 7.05 7.82
CA ILE A 100 4.28 7.59 6.53
C ILE A 100 5.37 8.47 5.94
N ALA A 101 5.52 8.42 4.62
CA ALA A 101 6.49 9.26 3.95
C ALA A 101 5.97 9.55 2.54
N LEU A 102 6.38 10.69 2.03
CA LEU A 102 6.05 11.10 0.68
C LEU A 102 7.32 11.22 -0.14
N MET A 103 7.20 10.95 -1.44
CA MET A 103 8.35 11.04 -2.34
C MET A 103 7.89 11.89 -3.53
N LYS A 104 8.62 12.96 -3.86
CA LYS A 104 8.28 13.79 -5.01
C LYS A 104 9.13 13.31 -6.17
N LEU A 105 8.51 13.08 -7.33
CA LEU A 105 9.24 12.60 -8.50
C LEU A 105 9.94 13.73 -9.27
N LYS A 106 11.04 13.39 -9.92
CA LYS A 106 11.79 14.39 -10.68
C LYS A 106 10.95 14.98 -11.80
N LYS A 107 10.14 14.13 -12.46
CA LYS A 107 9.30 14.59 -13.57
C LYS A 107 7.94 13.93 -13.42
N PRO A 108 6.87 14.59 -13.89
CA PRO A 108 5.53 14.00 -13.78
C PRO A 108 5.44 12.73 -14.62
N VAL A 109 4.68 11.74 -14.15
CA VAL A 109 4.53 10.51 -14.90
C VAL A 109 3.22 10.61 -15.70
N ALA A 110 3.25 10.10 -16.93
CA ALA A 110 2.03 10.18 -17.72
C ALA A 110 1.11 9.02 -17.35
N PHE A 111 -0.20 9.31 -17.25
CA PHE A 111 -1.14 8.24 -16.92
C PHE A 111 -1.43 7.36 -18.15
N SER A 112 -1.86 6.14 -17.90
CA SER A 112 -2.13 5.20 -18.98
C SER A 112 -3.14 4.21 -18.44
N ASP A 113 -3.41 3.16 -19.21
CA ASP A 113 -4.32 2.11 -18.78
C ASP A 113 -3.76 1.43 -17.53
N TYR A 114 -2.43 1.48 -17.35
CA TYR A 114 -1.74 0.76 -16.25
C TYR A 114 -1.23 1.66 -15.13
N ILE A 115 -1.36 2.96 -15.29
CA ILE A 115 -0.83 3.93 -14.36
C ILE A 115 -1.89 4.97 -14.09
N HIS A 116 -2.37 5.04 -12.85
CA HIS A 116 -3.45 5.96 -12.51
C HIS A 116 -3.44 6.15 -11.00
N PRO A 117 -3.70 7.38 -10.53
CA PRO A 117 -3.67 7.65 -9.09
C PRO A 117 -4.88 7.17 -8.33
N VAL A 118 -4.61 6.82 -7.07
CA VAL A 118 -5.66 6.42 -6.13
C VAL A 118 -6.14 7.70 -5.39
N CYS A 119 -7.37 7.70 -4.87
CA CYS A 119 -7.81 8.86 -4.09
C CYS A 119 -7.39 8.78 -2.63
N LEU A 120 -7.27 9.93 -1.98
CA LEU A 120 -7.02 9.92 -0.55
C LEU A 120 -8.35 10.25 0.09
N PRO A 121 -8.63 9.60 1.23
CA PRO A 121 -9.90 9.84 1.94
C PRO A 121 -10.06 11.19 2.62
N ASP A 122 -11.30 11.65 2.74
CA ASP A 122 -11.54 12.84 3.54
C ASP A 122 -12.19 12.33 4.84
N ARG A 123 -12.59 13.22 5.76
CA ARG A 123 -13.14 12.78 7.03
C ARG A 123 -14.38 11.90 6.88
N GLU A 124 -15.24 12.26 5.92
CA GLU A 124 -16.47 11.49 5.70
C GLU A 124 -16.16 10.10 5.15
N THR A 125 -15.17 10.02 4.26
CA THR A 125 -14.77 8.75 3.67
C THR A 125 -14.34 7.85 4.78
N ALA A 126 -13.49 8.39 5.63
CA ALA A 126 -12.97 7.60 6.73
C ALA A 126 -14.05 7.10 7.65
N ALA A 127 -14.97 8.00 8.01
CA ALA A 127 -15.99 7.61 8.94
C ALA A 127 -16.91 6.54 8.35
N SER A 128 -17.19 6.66 7.07
CA SER A 128 -18.06 5.71 6.39
C SER A 128 -17.48 4.32 6.17
N LEU A 129 -16.21 4.28 5.80
CA LEU A 129 -15.58 3.00 5.45
C LEU A 129 -14.72 2.32 6.52
N LEU A 130 -14.16 3.09 7.44
CA LEU A 130 -13.29 2.50 8.44
C LEU A 130 -14.05 1.87 9.60
N GLN A 131 -14.72 0.77 9.30
CA GLN A 131 -15.55 0.06 10.28
C GLN A 131 -15.17 -1.41 10.37
N ALA A 132 -15.18 -1.96 11.58
CA ALA A 132 -14.87 -3.36 11.78
C ALA A 132 -15.73 -4.22 10.87
N GLY A 133 -15.14 -5.22 10.22
CA GLY A 133 -15.87 -6.09 9.31
C GLY A 133 -15.81 -5.63 7.87
N TYR A 134 -15.66 -4.32 7.63
CA TYR A 134 -15.54 -3.86 6.26
C TYR A 134 -14.20 -4.30 5.70
N LYS A 135 -14.21 -4.76 4.45
CA LYS A 135 -12.97 -5.25 3.83
C LYS A 135 -12.27 -4.28 2.93
N GLY A 136 -10.94 -4.29 3.00
CA GLY A 136 -10.11 -3.50 2.13
C GLY A 136 -9.24 -4.47 1.35
N ARG A 137 -8.38 -3.93 0.52
CA ARG A 137 -7.55 -4.73 -0.36
C ARG A 137 -6.10 -4.34 -0.26
N VAL A 138 -5.22 -5.34 -0.13
CA VAL A 138 -3.78 -5.10 -0.06
C VAL A 138 -3.10 -5.78 -1.24
N THR A 139 -2.11 -5.11 -1.84
CA THR A 139 -1.45 -5.63 -3.01
C THR A 139 0.06 -5.49 -2.88
N GLY A 140 0.82 -6.39 -3.51
CA GLY A 140 2.26 -6.25 -3.40
C GLY A 140 3.01 -7.40 -4.05
N TRP A 141 4.33 -7.24 -4.15
CA TRP A 141 5.20 -8.25 -4.75
C TRP A 141 6.07 -8.93 -3.70
N GLY A 142 5.64 -8.82 -2.45
CA GLY A 142 6.41 -9.37 -1.33
C GLY A 142 6.32 -10.88 -1.22
N ASN A 143 6.95 -11.42 -0.18
CA ASN A 143 6.97 -12.88 0.03
C ASN A 143 5.61 -13.53 0.02
N LEU A 144 5.55 -14.77 -0.47
CA LEU A 144 4.31 -15.53 -0.47
C LEU A 144 4.17 -16.29 0.86
N LYS A 145 5.26 -16.40 1.61
CA LYS A 145 5.26 -17.11 2.88
C LYS A 145 6.18 -16.44 3.87
N GLU A 146 5.90 -16.59 5.15
CA GLU A 146 6.74 -15.99 6.18
C GLU A 146 8.17 -16.52 6.10
N THR A 147 8.31 -17.82 5.89
CA THR A 147 9.64 -18.42 5.80
C THR A 147 9.73 -19.39 4.63
N GLY A 148 10.09 -18.39 -2.80
CA GLY A 148 8.83 -17.96 -2.20
C GLY A 148 8.42 -16.57 -2.66
N GLN A 149 8.87 -16.17 -3.84
CA GLN A 149 8.52 -14.87 -4.38
C GLN A 149 7.54 -15.09 -5.53
N PRO A 150 6.65 -14.12 -5.79
CA PRO A 150 5.67 -14.22 -6.86
C PRO A 150 6.18 -13.79 -8.23
N SER A 151 5.56 -14.33 -9.27
CA SER A 151 5.90 -13.98 -10.64
C SER A 151 5.24 -12.63 -10.94
N VAL A 152 4.03 -12.44 -10.40
CA VAL A 152 3.30 -11.19 -10.63
C VAL A 152 2.62 -10.65 -9.36
N LEU A 153 2.20 -9.39 -9.44
CA LEU A 153 1.54 -8.71 -8.35
C LEU A 153 0.45 -9.58 -7.71
N GLN A 154 0.48 -9.66 -6.39
CA GLN A 154 -0.52 -10.41 -5.62
C GLN A 154 -1.52 -9.47 -4.96
N VAL A 155 -2.71 -10.01 -4.70
CA VAL A 155 -3.80 -9.26 -4.09
C VAL A 155 -4.54 -10.10 -3.07
N VAL A 156 -4.99 -9.45 -2.00
CA VAL A 156 -5.79 -10.12 -1.00
C VAL A 156 -6.73 -9.10 -0.33
N ASN A 157 -7.96 -9.54 -0.10
CA ASN A 157 -8.98 -8.71 0.56
C ASN A 157 -9.05 -9.17 2.02
N LEU A 158 -9.02 -8.20 2.92
CA LEU A 158 -9.00 -8.47 4.36
C LEU A 158 -9.92 -7.53 5.15
N PRO A 159 -10.58 -8.04 6.17
CA PRO A 159 -11.49 -7.24 6.99
C PRO A 159 -10.82 -6.41 8.08
N ILE A 160 -11.28 -5.18 8.26
CA ILE A 160 -10.79 -4.31 9.32
C ILE A 160 -11.25 -5.02 10.61
N VAL A 161 -10.39 -4.99 11.62
CA VAL A 161 -10.67 -5.67 12.91
C VAL A 161 -11.00 -4.68 14.05
N GLU A 162 -11.87 -5.09 14.97
CA GLU A 162 -12.25 -4.24 16.10
C GLU A 162 -10.99 -3.80 16.86
N ARG A 163 -10.96 -2.54 17.30
CA ARG A 163 -9.76 -2.05 17.98
C ARG A 163 -9.35 -2.83 19.21
N PRO A 164 -10.31 -3.34 20.02
CA PRO A 164 -9.86 -4.09 21.20
C PRO A 164 -9.16 -5.40 20.82
N VAL A 165 -9.60 -6.04 19.74
CA VAL A 165 -9.03 -7.28 19.28
C VAL A 165 -7.62 -7.01 18.78
N CYS A 166 -7.47 -5.93 18.01
CA CYS A 166 -6.15 -5.55 17.56
C CYS A 166 -5.20 -5.36 18.75
N LYS A 167 -5.64 -4.58 19.73
CA LYS A 167 -4.83 -4.26 20.92
C LYS A 167 -4.43 -5.51 21.71
N ASP A 168 -5.39 -6.40 21.91
CA ASP A 168 -5.17 -7.64 22.64
C ASP A 168 -4.31 -8.67 21.92
N SER A 169 -3.95 -8.43 20.67
CA SER A 169 -3.17 -9.41 19.90
C SER A 169 -1.65 -9.16 19.97
N THR A 170 -1.26 -8.07 20.62
CA THR A 170 0.15 -7.67 20.60
C THR A 170 0.59 -6.94 21.87
N ARG A 171 1.89 -6.96 22.12
CA ARG A 171 2.44 -6.26 23.25
C ARG A 171 2.78 -4.84 22.81
N ILE A 172 2.77 -4.56 21.51
CA ILE A 172 3.09 -3.21 21.05
C ILE A 172 1.97 -2.21 21.38
N ARG A 173 2.32 -0.97 21.73
CA ARG A 173 1.30 0.05 22.00
C ARG A 173 0.70 0.55 20.68
N ILE A 174 -0.60 0.35 20.50
CA ILE A 174 -1.32 0.78 19.30
C ILE A 174 -1.81 2.22 19.49
N THR A 175 -1.76 3.01 18.42
CA THR A 175 -2.22 4.40 18.49
C THR A 175 -3.37 4.64 17.55
N ASP A 176 -3.95 5.83 17.65
CA ASP A 176 -5.10 6.20 16.82
C ASP A 176 -4.67 6.34 15.35
N ASN A 177 -3.36 6.39 15.12
CA ASN A 177 -2.82 6.51 13.75
C ASN A 177 -2.62 5.17 13.06
N MET A 178 -3.14 4.10 13.67
CA MET A 178 -3.01 2.74 13.16
C MET A 178 -4.36 2.05 13.20
N PHE A 179 -4.55 1.10 12.30
CA PHE A 179 -5.70 0.22 12.40
C PHE A 179 -5.15 -1.14 12.00
N CYS A 180 -5.86 -2.21 12.34
CA CYS A 180 -5.40 -3.52 11.95
C CYS A 180 -6.46 -4.27 11.14
N ALA A 181 -6.01 -5.24 10.36
CA ALA A 181 -6.90 -6.02 9.50
C ALA A 181 -6.38 -7.44 9.33
N GLY A 182 -7.31 -8.33 9.03
CA GLY A 182 -6.99 -9.73 8.86
C GLY A 182 -8.13 -10.54 9.42
N TYR A 183 -8.12 -11.83 9.11
CA TYR A 183 -9.14 -12.74 9.60
C TYR A 183 -8.72 -13.28 10.95
N LYS A 184 -9.71 -13.64 11.74
CA LYS A 184 -9.51 -14.22 13.07
C LYS A 184 -9.36 -15.73 12.85
N PRO A 185 -8.77 -16.42 13.83
CA PRO A 185 -8.62 -17.87 13.67
C PRO A 185 -9.90 -18.62 13.34
N ASP A 186 -11.01 -18.22 13.93
CA ASP A 186 -12.30 -18.89 13.70
C ASP A 186 -13.02 -18.54 12.38
N GLU A 187 -12.46 -17.62 11.61
CA GLU A 187 -13.10 -17.24 10.36
C GLU A 187 -12.74 -18.11 9.16
N GLY A 188 -11.74 -18.98 9.33
CA GLY A 188 -11.36 -19.85 8.22
C GLY A 188 -10.46 -19.25 7.16
N LYS A 189 -10.85 -18.10 6.62
CA LYS A 189 -10.08 -17.44 5.59
C LYS A 189 -8.76 -16.92 6.13
N ARG A 190 -7.81 -16.70 5.23
CA ARG A 190 -6.48 -16.25 5.65
C ARG A 190 -5.99 -15.15 4.74
N GLY A 191 -4.75 -14.71 4.97
CA GLY A 191 -4.16 -13.67 4.14
C GLY A 191 -3.52 -12.58 4.97
N ASP A 192 -2.43 -12.06 4.45
CA ASP A 192 -1.69 -10.98 5.12
C ASP A 192 -0.61 -10.46 4.16
N ALA A 193 -0.15 -9.27 4.47
CA ALA A 193 0.99 -8.69 3.77
C ALA A 193 2.24 -9.37 4.34
N CYS A 194 3.39 -9.24 3.66
CA CYS A 194 4.62 -9.81 4.20
C CYS A 194 5.81 -9.02 3.71
N GLU A 195 7.02 -9.50 4.03
CA GLU A 195 8.26 -8.87 3.62
C GLU A 195 8.22 -8.51 2.13
N GLY A 196 8.40 -7.23 1.83
CA GLY A 196 8.39 -6.74 0.46
C GLY A 196 7.10 -5.99 0.12
N ASP A 197 6.06 -6.25 0.89
CA ASP A 197 4.78 -5.58 0.66
C ASP A 197 4.62 -4.28 1.46
N SER A 198 5.44 -4.08 2.49
CA SER A 198 5.22 -2.89 3.28
C SER A 198 5.40 -1.61 2.51
N GLY A 199 4.70 -0.59 2.97
CA GLY A 199 4.67 0.70 2.28
C GLY A 199 3.58 0.72 1.22
N GLY A 200 3.07 -0.46 0.84
CA GLY A 200 2.01 -0.55 -0.15
C GLY A 200 0.67 -0.09 0.41
N PRO A 201 -0.31 0.00 -0.48
CA PRO A 201 -1.64 0.47 -0.08
C PRO A 201 -2.67 -0.56 0.34
N PHE A 202 -3.51 -0.11 1.29
CA PHE A 202 -4.70 -0.86 1.73
C PHE A 202 -5.81 0.04 1.19
N VAL A 203 -6.54 -0.44 0.17
CA VAL A 203 -7.58 0.38 -0.45
C VAL A 203 -8.99 -0.16 -0.24
N MET A 204 -9.97 0.72 -0.37
CA MET A 204 -11.39 0.37 -0.23
C MET A 204 -12.13 1.04 -1.38
N LYS A 205 -13.19 0.40 -1.90
CA LYS A 205 -13.97 0.99 -2.99
C LYS A 205 -15.25 1.59 -2.43
N SER A 206 -15.34 2.91 -2.47
CA SER A 206 -16.52 3.53 -1.93
C SER A 206 -17.78 3.09 -2.66
N PRO A 207 -18.79 2.64 -1.89
CA PRO A 207 -20.04 2.19 -2.54
C PRO A 207 -20.92 3.37 -2.89
N PHE A 208 -20.50 4.56 -2.47
CA PHE A 208 -21.23 5.79 -2.74
C PHE A 208 -20.85 6.42 -4.08
N ASN A 209 -19.55 6.48 -4.38
CA ASN A 209 -19.14 7.11 -5.64
C ASN A 209 -18.27 6.22 -6.54
N ASN A 210 -18.18 4.95 -6.18
CA ASN A 210 -17.44 3.94 -6.91
C ASN A 210 -15.97 4.21 -7.20
N ARG A 211 -15.36 4.98 -6.32
CA ARG A 211 -13.96 5.31 -6.44
C ARG A 211 -13.12 4.58 -5.38
N TRP A 212 -11.90 4.23 -5.76
CA TRP A 212 -10.97 3.62 -4.81
C TRP A 212 -10.21 4.65 -3.98
N TYR A 213 -10.20 4.37 -2.68
CA TYR A 213 -9.52 5.24 -1.70
C TYR A 213 -8.45 4.48 -0.92
N GLN A 214 -7.29 5.12 -0.72
CA GLN A 214 -6.25 4.47 0.07
C GLN A 214 -6.48 4.85 1.51
N MET A 215 -6.96 3.87 2.27
CA MET A 215 -7.25 4.09 3.67
C MET A 215 -6.06 3.79 4.55
N GLY A 216 -5.17 2.89 4.09
CA GLY A 216 -4.03 2.57 4.91
C GLY A 216 -2.77 2.35 4.13
N ILE A 217 -1.67 2.25 4.89
CA ILE A 217 -0.37 1.91 4.34
C ILE A 217 0.10 0.67 5.12
N VAL A 218 0.58 -0.33 4.40
CA VAL A 218 1.12 -1.55 5.07
C VAL A 218 2.29 -1.09 5.99
N SER A 219 2.09 -1.23 7.30
CA SER A 219 3.07 -0.74 8.27
C SER A 219 3.83 -1.80 9.03
N TRP A 220 3.15 -2.70 9.75
CA TRP A 220 3.90 -3.71 10.48
C TRP A 220 3.07 -4.91 10.85
N GLY A 221 3.75 -5.95 11.32
CA GLY A 221 3.09 -7.17 11.76
C GLY A 221 4.13 -8.02 12.45
N GLU A 222 3.69 -9.10 13.07
CA GLU A 222 4.61 -9.99 13.76
C GLU A 222 4.46 -11.29 12.96
N GLY A 223 5.47 -11.58 12.17
CA GLY A 223 5.39 -12.74 11.30
C GLY A 223 4.46 -12.33 10.16
N CYS A 224 3.98 -13.31 9.42
CA CYS A 224 3.06 -13.06 8.31
C CYS A 224 2.02 -14.15 8.32
N ASP A 225 0.76 -13.74 8.31
CA ASP A 225 -0.35 -14.65 8.28
C ASP A 225 -0.37 -15.64 9.44
N ARG A 226 0.04 -15.18 10.62
CA ARG A 226 0.00 -16.08 11.77
C ARG A 226 -1.38 -16.02 12.42
N ASP A 227 -1.84 -17.16 12.92
CA ASP A 227 -3.15 -17.19 13.57
C ASP A 227 -3.08 -16.33 14.83
N GLY A 228 -4.10 -15.51 15.01
CA GLY A 228 -4.20 -14.66 16.16
C GLY A 228 -3.43 -13.36 16.06
N LYS A 229 -2.73 -13.16 14.94
CA LYS A 229 -1.98 -11.90 14.72
C LYS A 229 -2.69 -11.19 13.57
N TYR A 230 -2.47 -9.90 13.48
CA TYR A 230 -3.09 -9.09 12.47
C TYR A 230 -2.10 -8.14 11.86
N GLY A 231 -2.40 -7.68 10.65
CA GLY A 231 -1.53 -6.72 10.03
C GLY A 231 -1.93 -5.33 10.49
N PHE A 232 -0.94 -4.48 10.72
CA PHE A 232 -1.19 -3.11 11.12
C PHE A 232 -0.87 -2.18 9.97
N TYR A 233 -1.71 -1.14 9.87
CA TYR A 233 -1.67 -0.18 8.79
C TYR A 233 -1.72 1.24 9.30
N THR A 234 -0.97 2.12 8.63
CA THR A 234 -1.00 3.54 8.93
C THR A 234 -2.36 4.08 8.50
N HIS A 235 -3.00 4.83 9.39
CA HIS A 235 -4.33 5.42 9.14
C HIS A 235 -4.13 6.69 8.30
N VAL A 236 -4.35 6.59 7.00
CA VAL A 236 -4.05 7.69 6.09
C VAL A 236 -4.84 8.95 6.40
N PHE A 237 -6.14 8.80 6.65
CA PHE A 237 -6.88 10.01 6.92
C PHE A 237 -6.35 10.77 8.15
N ARG A 238 -5.95 10.04 9.18
CA ARG A 238 -5.45 10.69 10.40
C ARG A 238 -4.21 11.51 10.13
N LEU A 239 -3.49 11.21 9.05
CA LEU A 239 -2.27 11.94 8.72
C LEU A 239 -2.43 12.82 7.51
N LYS A 240 -3.65 13.04 7.06
CA LYS A 240 -3.85 13.85 5.88
C LYS A 240 -3.45 15.32 6.01
N LYS A 241 -3.57 15.89 7.21
CA LYS A 241 -3.16 17.28 7.36
C LYS A 241 -1.68 17.40 7.03
N TRP A 242 -0.88 16.43 7.46
CA TRP A 242 0.55 16.45 7.16
C TRP A 242 0.79 16.26 5.68
N ILE A 243 0.06 15.33 5.05
CA ILE A 243 0.21 15.10 3.63
C ILE A 243 -0.06 16.40 2.85
N GLN A 244 -1.16 17.05 3.17
CA GLN A 244 -1.56 18.29 2.49
C GLN A 244 -0.51 19.38 2.70
N LYS A 245 -0.04 19.51 3.95
CA LYS A 245 0.98 20.51 4.28
C LYS A 245 2.22 20.34 3.40
N VAL A 246 2.70 19.11 3.27
CA VAL A 246 3.87 18.84 2.47
C VAL A 246 3.65 19.15 0.99
N ILE A 247 2.53 18.69 0.44
CA ILE A 247 2.27 18.93 -0.95
C ILE A 247 1.98 20.42 -1.20
N ASP A 248 1.29 21.09 -0.28
CA ASP A 248 1.00 22.52 -0.46
C ASP A 248 2.28 23.35 -0.41
N GLN A 249 3.21 22.98 0.46
CA GLN A 249 4.45 23.74 0.60
C GLN A 249 5.49 23.48 -0.49
N PHE A 250 5.65 22.22 -0.87
CA PHE A 250 6.64 21.82 -1.87
C PHE A 250 6.04 21.37 -3.19
N ASP B 1 16.89 -11.68 -8.89
CA ASP B 1 16.42 -12.28 -10.17
C ASP B 1 15.75 -11.21 -11.03
N PHE B 2 16.17 -9.97 -10.84
CA PHE B 2 15.59 -8.88 -11.60
C PHE B 2 16.21 -8.65 -12.97
N GLU B 3 15.35 -8.55 -13.99
CA GLU B 3 15.83 -8.28 -15.33
C GLU B 3 16.44 -6.88 -15.34
N GLU B 4 17.53 -6.70 -16.07
CA GLU B 4 18.16 -5.40 -16.13
C GLU B 4 17.25 -4.36 -16.74
N ILE B 5 17.39 -3.13 -16.27
CA ILE B 5 16.59 -2.05 -16.77
C ILE B 5 17.44 -1.14 -17.65
N PRO B 6 16.81 -0.49 -18.64
CA PRO B 6 17.48 0.42 -19.58
C PRO B 6 18.56 1.29 -18.93
N GLU B 7 18.35 1.74 -17.77
N ALA C 1 -9.42 14.91 -10.21
CA ALA C 1 -10.86 14.66 -10.38
C ALA C 1 -11.20 13.22 -10.79
N ASP C 2 -10.27 12.54 -11.47
CA ASP C 2 -10.47 11.18 -11.94
C ASP C 2 -9.77 10.14 -11.02
N CYS C 3 -9.30 10.57 -9.84
CA CYS C 3 -8.62 9.62 -8.96
C CYS C 3 -9.51 8.44 -8.63
N GLY C 4 -8.89 7.28 -8.48
CA GLY C 4 -9.62 6.11 -8.03
C GLY C 4 -10.54 5.42 -9.03
N LEU C 5 -10.51 5.87 -10.28
CA LEU C 5 -11.33 5.26 -11.35
C LEU C 5 -10.35 4.63 -12.32
N ARG C 6 -10.35 3.30 -12.33
CA ARG C 6 -9.39 2.55 -13.13
C ARG C 6 -9.72 2.50 -14.59
N PRO C 7 -8.77 2.85 -15.45
CA PRO C 7 -9.04 2.81 -16.90
C PRO C 7 -9.56 1.48 -17.39
N LEU C 8 -9.09 0.37 -16.84
CA LEU C 8 -9.52 -0.93 -17.34
C LEU C 8 -10.69 -1.55 -16.60
N PHE C 9 -11.21 -0.82 -15.62
CA PHE C 9 -12.33 -1.31 -14.86
C PHE C 9 -13.42 -0.26 -14.76
N GLU C 10 -13.40 0.62 -13.76
CA GLU C 10 -14.51 1.59 -13.66
C GLU C 10 -14.74 2.42 -14.93
N LYS C 11 -13.68 2.89 -15.57
CA LYS C 11 -13.87 3.73 -16.75
C LYS C 11 -14.65 3.04 -17.84
N LYS C 12 -14.55 1.72 -17.93
CA LYS C 12 -15.29 0.97 -18.98
C LYS C 12 -16.39 0.08 -18.39
N SER C 13 -16.80 0.36 -17.16
CA SER C 13 -17.80 -0.41 -16.47
C SER C 13 -17.59 -1.93 -16.47
N LEU C 14 -16.35 -2.33 -16.14
CA LEU C 14 -15.99 -3.73 -15.98
C LEU C 14 -15.58 -3.90 -14.54
N GLU C 15 -15.93 -5.03 -13.94
CA GLU C 15 -15.59 -5.24 -12.54
C GLU C 15 -14.50 -6.25 -12.42
N ASP C 16 -13.64 -6.12 -11.40
CA ASP C 16 -12.60 -7.15 -11.24
C ASP C 16 -13.16 -8.37 -10.52
N LYS C 17 -12.38 -9.43 -10.46
CA LYS C 17 -12.83 -10.69 -9.89
C LYS C 17 -13.28 -10.72 -8.44
N THR C 18 -12.77 -9.82 -7.62
CA THR C 18 -13.14 -9.86 -6.21
C THR C 18 -13.69 -8.57 -5.59
N GLU C 19 -13.88 -7.51 -6.35
CA GLU C 19 -14.40 -6.30 -5.75
C GLU C 19 -15.79 -6.49 -5.12
N ARG C 20 -16.57 -7.44 -5.62
CA ARG C 20 -17.90 -7.67 -5.04
C ARG C 20 -17.78 -8.13 -3.57
N GLU C 21 -16.70 -8.83 -3.21
CA GLU C 21 -16.46 -9.26 -1.84
C GLU C 21 -16.33 -8.02 -0.93
N LEU C 22 -15.72 -6.96 -1.46
CA LEU C 22 -15.59 -5.75 -0.67
C LEU C 22 -16.99 -5.11 -0.50
N LEU C 23 -17.72 -4.95 -1.60
CA LEU C 23 -19.04 -4.34 -1.51
C LEU C 23 -19.96 -5.10 -0.55
N GLU C 24 -19.90 -6.43 -0.62
CA GLU C 24 -20.78 -7.23 0.25
C GLU C 24 -20.45 -7.03 1.73
N SER C 25 -19.23 -6.60 2.03
CA SER C 25 -18.86 -6.40 3.43
C SER C 25 -19.27 -5.01 3.93
N TYR C 26 -19.71 -4.13 3.03
CA TYR C 26 -20.12 -2.77 3.44
C TYR C 26 -21.62 -2.81 3.69
N ILE C 27 -21.96 -3.43 4.81
CA ILE C 27 -23.36 -3.65 5.22
C ILE C 27 -24.03 -2.51 5.97
N1 SHY D . 1.38 -7.46 7.95
C3 SHY D . 2.62 -8.00 8.13
N2 SHY D . 2.67 -9.32 8.48
C4 SHY D . 3.82 -7.21 8.04
C9 SHY D . 3.75 -5.89 7.63
C8 SHY D . 4.92 -5.12 7.56
C7 SHY D . 6.17 -5.65 7.92
C6 SHY D . 6.23 -7.00 8.30
C5 SHY D . 5.09 -7.77 8.36
C10 SHY D . 7.37 -4.73 7.88
N11 SHY D . 8.63 -5.50 7.75
C12 SHY D . 8.86 -5.89 6.33
C13 SHY D . 10.09 -5.12 5.80
C14 SHY D . 10.09 -3.89 6.72
C15 SHY D . 9.69 -4.48 8.05
C16 SHY D . 9.10 -3.38 8.96
C17 SHY D . 9.60 -3.53 10.35
N19 SHY D . 8.75 -4.28 11.15
C20 SHY D . 7.58 -4.58 10.42
O21 SHY D . 6.68 -5.28 10.87
C22 SHY D . 7.59 -3.82 9.11
C23 SHY D . 8.96 -4.76 12.51
C24 SHY D . 8.60 -3.78 13.58
C32 SHY D . 7.33 -3.88 14.14
C31 SHY D . 6.86 -2.99 15.09
C30 SHY D . 7.74 -1.96 15.44
O29 SHY D . 7.52 -1.00 16.34
C28 SHY D . 8.73 -0.20 16.36
O20 SHY D . 11.32 -5.82 6.05
O27 SHY D . 9.70 -0.82 15.47
C26 SHY D . 9.00 -1.84 14.89
C25 SHY D . 9.46 -2.74 13.95
O24 SHY D . 10.67 -3.14 10.81
NA NA E . -3.38 -13.64 11.23
CA CA F . -1.90 -5.47 24.44
#